data_2HVM
#
_entry.id   2HVM
#
_cell.length_a   52.300
_cell.length_b   57.720
_cell.length_c   82.050
_cell.angle_alpha   90.00
_cell.angle_beta   90.00
_cell.angle_gamma   90.00
#
_symmetry.space_group_name_H-M   'P 21 21 21'
#
loop_
_entity.id
_entity.type
_entity.pdbx_description
1 polymer HEVAMINE
2 water water
#
_entity_poly.entity_id   1
_entity_poly.type   'polypeptide(L)'
_entity_poly.pdbx_seq_one_letter_code
;GGIAIYWGQNGNEGTLTQTCSTRKYSYVNIAFLNKFGNGQTPQINLAGHCNPAAGGCTIVSNGIRSCQIQGIKVMLSLGG
GIGSYTLASQADAKNVADYLWNNFLGGKSSSRPLGDAVLDGIDFDIEHGSTLYWDDLARYLSAYSKQGKKVYLTAAPQCP
FPDRYLGTALNTGLFDYVWVQFYNNPPCQYSSGNINNIINSWNRWTTSINAGKIFLGLPAAPEAAGSGYVPPDVLISRIL
PEIKKSPKYGGVMLWSKFYDDKNGYSSSILDSV
;
_entity_poly.pdbx_strand_id   A
#
# COMPACT_ATOMS: atom_id res chain seq x y z
N GLY A 1 -15.63 2.18 7.82
CA GLY A 1 -14.58 1.68 6.93
C GLY A 1 -13.65 0.69 7.66
N GLY A 2 -12.46 0.49 7.09
CA GLY A 2 -11.54 -0.55 7.56
C GLY A 2 -10.12 0.00 7.61
N ILE A 3 -9.22 -0.81 8.16
CA ILE A 3 -7.82 -0.42 8.30
C ILE A 3 -6.95 -1.21 7.31
N ALA A 4 -6.14 -0.48 6.56
CA ALA A 4 -5.15 -1.11 5.70
C ALA A 4 -3.80 -1.06 6.42
N ILE A 5 -3.03 -2.15 6.36
CA ILE A 5 -1.74 -2.22 7.05
C ILE A 5 -0.61 -2.67 6.12
N TYR A 6 0.57 -2.08 6.29
CA TYR A 6 1.76 -2.56 5.57
C TYR A 6 2.48 -3.55 6.46
N TRP A 7 2.83 -4.68 5.87
CA TRP A 7 3.55 -5.77 6.54
C TRP A 7 4.75 -6.16 5.67
N GLY A 8 5.85 -6.54 6.31
CA GLY A 8 6.96 -7.20 5.62
C GLY A 8 8.34 -6.63 5.95
N GLN A 9 8.37 -5.44 6.55
CA GLN A 9 9.63 -4.75 6.74
C GLN A 9 10.31 -4.91 8.11
N ASN A 10 9.75 -5.77 8.96
CA ASN A 10 10.42 -6.11 10.20
C ASN A 10 10.11 -7.53 10.60
N GLY A 11 11.13 -8.38 10.57
CA GLY A 11 10.98 -9.79 10.85
C GLY A 11 10.31 -10.11 12.19
N ASN A 12 10.36 -9.16 13.14
CA ASN A 12 9.76 -9.36 14.46
C ASN A 12 8.28 -8.99 14.57
N GLU A 13 7.66 -8.60 13.47
CA GLU A 13 6.29 -8.15 13.53
C GLU A 13 5.26 -9.27 13.42
N GLY A 14 5.72 -10.52 13.35
CA GLY A 14 4.77 -11.62 13.26
C GLY A 14 4.55 -12.09 11.83
N THR A 15 4.02 -13.29 11.68
CA THR A 15 3.76 -13.85 10.36
C THR A 15 2.56 -13.16 9.69
N LEU A 16 2.39 -13.40 8.40
CA LEU A 16 1.23 -12.82 7.72
C LEU A 16 -0.04 -13.46 8.27
N THR A 17 0.02 -14.76 8.54
CA THR A 17 -1.13 -15.42 9.15
C THR A 17 -1.52 -14.75 10.48
N GLN A 18 -0.55 -14.50 11.37
CA GLN A 18 -0.91 -13.89 12.66
C GLN A 18 -1.48 -12.49 12.43
N THR A 19 -0.86 -11.75 11.52
CA THR A 19 -1.32 -10.42 11.17
C THR A 19 -2.80 -10.41 10.76
N CYS A 20 -3.19 -11.33 9.89
CA CYS A 20 -4.58 -11.37 9.48
C CYS A 20 -5.50 -11.87 10.57
N SER A 21 -4.97 -12.75 11.42
CA SER A 21 -5.79 -13.31 12.50
C SER A 21 -6.15 -12.31 13.59
N THR A 22 -5.50 -11.14 13.62
CA THR A 22 -5.83 -10.13 14.62
C THR A 22 -7.29 -9.69 14.49
N ARG A 23 -7.84 -9.87 13.30
CA ARG A 23 -9.15 -9.29 12.97
C ARG A 23 -9.18 -7.74 12.98
N LYS A 24 -8.02 -7.08 12.96
CA LYS A 24 -8.05 -5.62 12.96
C LYS A 24 -7.96 -5.02 11.55
N TYR A 25 -7.49 -5.80 10.59
CA TYR A 25 -7.15 -5.27 9.27
C TYR A 25 -8.05 -5.79 8.16
N SER A 26 -8.35 -4.90 7.21
CA SER A 26 -9.18 -5.30 6.07
C SER A 26 -8.35 -5.48 4.81
N TYR A 27 -7.18 -4.84 4.76
CA TYR A 27 -6.30 -4.92 3.60
C TYR A 27 -4.88 -5.07 4.13
N VAL A 28 -4.07 -5.87 3.44
CA VAL A 28 -2.65 -5.99 3.81
C VAL A 28 -1.81 -5.75 2.57
N ASN A 29 -0.86 -4.83 2.65
CA ASN A 29 0.10 -4.60 1.58
C ASN A 29 1.42 -5.22 2.00
N ILE A 30 1.94 -6.12 1.16
CA ILE A 30 3.22 -6.78 1.42
C ILE A 30 4.35 -5.91 0.86
N ALA A 31 5.18 -5.41 1.78
CA ALA A 31 6.24 -4.43 1.52
C ALA A 31 7.65 -5.07 1.58
N PHE A 32 8.41 -5.16 0.48
CA PHE A 32 8.20 -4.48 -0.80
C PHE A 32 8.83 -5.33 -1.91
N LEU A 33 8.37 -5.12 -3.13
CA LEU A 33 9.20 -5.44 -4.29
C LEU A 33 9.97 -4.15 -4.60
N ASN A 34 11.16 -4.01 -4.00
CA ASN A 34 11.86 -2.72 -4.06
C ASN A 34 13.00 -2.59 -5.11
N LYS A 35 13.12 -3.57 -5.99
CA LYS A 35 14.08 -3.49 -7.07
C LYS A 35 13.43 -4.11 -8.31
N PHE A 36 13.33 -3.34 -9.39
CA PHE A 36 12.76 -3.81 -10.65
C PHE A 36 12.99 -2.69 -11.63
N GLY A 37 12.78 -2.97 -12.91
CA GLY A 37 12.99 -1.98 -13.93
C GLY A 37 14.45 -1.93 -14.44
N ASN A 38 14.60 -1.34 -15.63
CA ASN A 38 15.90 -1.06 -16.22
C ASN A 38 16.77 -2.29 -16.41
N GLY A 39 16.11 -3.42 -16.63
CA GLY A 39 16.79 -4.68 -16.90
C GLY A 39 17.18 -5.41 -15.63
N GLN A 40 16.90 -4.82 -14.47
CA GLN A 40 17.25 -5.53 -13.22
C GLN A 40 16.36 -6.75 -13.02
N THR A 41 16.90 -7.77 -12.36
CA THR A 41 16.06 -8.89 -11.95
C THR A 41 15.29 -8.40 -10.74
N PRO A 42 13.97 -8.50 -10.77
CA PRO A 42 13.16 -8.00 -9.65
C PRO A 42 13.48 -8.79 -8.39
N GLN A 43 13.53 -8.09 -7.25
CA GLN A 43 13.82 -8.74 -5.99
C GLN A 43 12.87 -8.25 -4.93
N ILE A 44 12.20 -9.19 -4.28
CA ILE A 44 11.37 -8.86 -3.12
C ILE A 44 12.23 -8.71 -1.85
N ASN A 45 11.86 -7.77 -0.98
CA ASN A 45 12.59 -7.61 0.27
C ASN A 45 11.62 -7.68 1.44
N LEU A 46 11.68 -8.77 2.21
CA LEU A 46 10.80 -8.91 3.38
C LEU A 46 11.63 -8.93 4.65
N ALA A 47 12.73 -8.18 4.64
CA ALA A 47 13.55 -7.97 5.84
C ALA A 47 13.95 -9.34 6.38
N GLY A 48 13.64 -9.58 7.66
CA GLY A 48 14.06 -10.80 8.35
C GLY A 48 13.05 -11.93 8.24
N HIS A 49 11.92 -11.66 7.62
CA HIS A 49 10.89 -12.68 7.57
C HIS A 49 11.37 -13.94 6.88
N CYS A 50 11.99 -13.79 5.71
CA CYS A 50 12.41 -14.93 4.93
C CYS A 50 13.38 -14.46 3.87
N ASN A 51 14.18 -15.39 3.38
CA ASN A 51 15.07 -15.08 2.29
C ASN A 51 14.51 -15.72 1.02
N PRO A 52 14.30 -14.92 -0.01
CA PRO A 52 13.56 -15.41 -1.18
C PRO A 52 14.35 -16.40 -2.06
N ALA A 53 15.66 -16.47 -1.87
CA ALA A 53 16.45 -17.49 -2.54
C ALA A 53 15.92 -18.93 -2.28
N ALA A 54 15.99 -19.77 -3.30
CA ALA A 54 15.65 -21.19 -3.16
C ALA A 54 14.25 -21.40 -2.63
N GLY A 55 13.36 -20.47 -2.97
CA GLY A 55 11.98 -20.53 -2.54
C GLY A 55 11.83 -20.36 -1.04
N GLY A 56 12.74 -19.61 -0.41
CA GLY A 56 12.63 -19.40 1.02
C GLY A 56 11.38 -18.61 1.45
N CYS A 57 10.79 -17.83 0.54
CA CYS A 57 9.61 -17.07 0.92
C CYS A 57 8.29 -17.66 0.44
N THR A 58 8.29 -18.89 -0.07
CA THR A 58 7.05 -19.46 -0.59
C THR A 58 6.07 -19.76 0.53
N ILE A 59 6.61 -19.84 1.73
CA ILE A 59 5.81 -20.12 2.91
C ILE A 59 4.76 -19.01 3.11
N VAL A 60 5.01 -17.86 2.54
CA VAL A 60 4.12 -16.73 2.68
C VAL A 60 2.76 -17.00 2.05
N SER A 61 2.72 -17.90 1.08
CA SER A 61 1.45 -18.31 0.47
C SER A 61 0.45 -18.83 1.48
N ASN A 62 0.94 -19.44 2.55
CA ASN A 62 0.05 -19.93 3.62
C ASN A 62 -0.70 -18.75 4.25
N GLY A 63 0.05 -17.69 4.56
CA GLY A 63 -0.50 -16.46 5.12
C GLY A 63 -1.43 -15.76 4.14
N ILE A 64 -1.06 -15.73 2.87
CA ILE A 64 -1.93 -15.12 1.86
C ILE A 64 -3.28 -15.81 1.80
N ARG A 65 -3.27 -17.13 1.74
CA ARG A 65 -4.52 -17.89 1.67
C ARG A 65 -5.34 -17.66 2.91
N SER A 66 -4.69 -17.73 4.05
CA SER A 66 -5.40 -17.55 5.32
C SER A 66 -6.09 -16.17 5.42
N CYS A 67 -5.43 -15.12 4.93
CA CYS A 67 -6.01 -13.78 4.89
C CYS A 67 -7.23 -13.76 3.98
N GLN A 68 -7.08 -14.31 2.79
CA GLN A 68 -8.12 -14.23 1.78
C GLN A 68 -9.38 -14.98 2.20
N ILE A 69 -9.18 -16.09 2.91
CA ILE A 69 -10.28 -16.93 3.39
C ILE A 69 -11.15 -16.09 4.33
N GLN A 70 -10.52 -15.12 5.02
CA GLN A 70 -11.25 -14.27 5.98
C GLN A 70 -11.73 -12.97 5.37
N GLY A 71 -11.65 -12.88 4.04
CA GLY A 71 -12.15 -11.74 3.30
C GLY A 71 -11.22 -10.55 3.27
N ILE A 72 -9.96 -10.78 3.61
CA ILE A 72 -8.94 -9.71 3.56
C ILE A 72 -8.23 -9.71 2.20
N LYS A 73 -8.09 -8.52 1.61
CA LYS A 73 -7.43 -8.39 0.30
C LYS A 73 -5.96 -8.16 0.54
N VAL A 74 -5.14 -8.88 -0.23
CA VAL A 74 -3.69 -8.84 -0.05
C VAL A 74 -3.03 -8.36 -1.35
N MET A 75 -2.28 -7.26 -1.25
CA MET A 75 -1.60 -6.65 -2.40
C MET A 75 -0.08 -6.80 -2.24
N LEU A 76 0.63 -6.82 -3.36
CA LEU A 76 2.09 -6.72 -3.33
C LEU A 76 2.43 -5.26 -3.58
N SER A 77 3.22 -4.68 -2.69
CA SER A 77 3.54 -3.27 -2.82
C SER A 77 4.86 -3.05 -3.54
N LEU A 78 4.82 -2.21 -4.57
CA LEU A 78 6.04 -1.86 -5.33
C LEU A 78 6.66 -0.61 -4.74
N GLY A 79 7.99 -0.58 -4.66
CA GLY A 79 8.68 0.68 -4.34
C GLY A 79 9.12 0.76 -2.89
N GLY A 80 8.63 1.78 -2.19
CA GLY A 80 9.02 2.03 -0.82
C GLY A 80 10.08 3.13 -0.76
N GLY A 81 10.53 3.46 0.46
CA GLY A 81 11.46 4.57 0.66
C GLY A 81 12.89 4.30 0.19
N ILE A 82 13.27 3.02 0.09
CA ILE A 82 14.61 2.58 -0.30
C ILE A 82 14.52 1.61 -1.47
N GLY A 83 15.32 1.81 -2.50
CA GLY A 83 15.38 0.79 -3.54
C GLY A 83 15.70 1.39 -4.89
N SER A 84 16.22 0.58 -5.80
CA SER A 84 16.56 1.11 -7.11
C SER A 84 15.54 0.72 -8.16
N TYR A 85 14.28 0.93 -7.83
CA TYR A 85 13.21 0.64 -8.75
C TYR A 85 12.96 1.85 -9.65
N THR A 86 12.57 1.59 -10.89
CA THR A 86 12.35 2.66 -11.84
C THR A 86 11.64 1.99 -13.00
N LEU A 87 11.15 2.79 -13.94
CA LEU A 87 10.72 2.28 -15.25
C LEU A 87 11.48 3.10 -16.29
N ALA A 88 12.19 2.42 -17.19
CA ALA A 88 13.06 3.08 -18.16
C ALA A 88 12.30 3.54 -19.41
N SER A 89 11.17 2.90 -19.68
CA SER A 89 10.46 3.14 -20.93
C SER A 89 9.08 2.51 -20.84
N GLN A 90 8.28 2.72 -21.87
CA GLN A 90 6.99 2.05 -21.92
C GLN A 90 7.14 0.52 -22.10
N ALA A 91 8.20 0.07 -22.79
CA ALA A 91 8.48 -1.36 -22.91
C ALA A 91 8.81 -1.96 -21.53
N ASP A 92 9.51 -1.18 -20.71
CA ASP A 92 9.84 -1.61 -19.34
C ASP A 92 8.56 -1.80 -18.53
N ALA A 93 7.61 -0.87 -18.68
CA ALA A 93 6.28 -1.00 -18.05
C ALA A 93 5.62 -2.32 -18.46
N LYS A 94 5.70 -2.64 -19.74
CA LYS A 94 5.13 -3.89 -20.22
C LYS A 94 5.84 -5.14 -19.65
N ASN A 95 7.17 -5.12 -19.64
CA ASN A 95 7.95 -6.24 -19.12
C ASN A 95 7.62 -6.46 -17.66
N VAL A 96 7.62 -5.36 -16.90
CA VAL A 96 7.30 -5.44 -15.46
C VAL A 96 5.88 -5.95 -15.21
N ALA A 97 4.89 -5.45 -15.94
CA ALA A 97 3.53 -5.97 -15.80
C ALA A 97 3.46 -7.48 -16.07
N ASP A 98 4.12 -7.95 -17.14
CA ASP A 98 4.13 -9.38 -17.47
C ASP A 98 4.80 -10.21 -16.38
N TYR A 99 5.95 -9.74 -15.88
CA TYR A 99 6.60 -10.35 -14.72
C TYR A 99 5.67 -10.48 -13.49
N LEU A 100 4.96 -9.40 -13.15
CA LEU A 100 4.06 -9.41 -11.99
C LEU A 100 2.91 -10.38 -12.18
N TRP A 101 2.31 -10.35 -13.38
CA TRP A 101 1.25 -11.29 -13.72
C TRP A 101 1.69 -12.74 -13.51
N ASN A 102 2.83 -13.11 -14.09
CA ASN A 102 3.27 -14.50 -14.01
C ASN A 102 3.77 -14.95 -12.65
N ASN A 103 4.33 -14.02 -11.86
CA ASN A 103 4.97 -14.36 -10.61
C ASN A 103 4.16 -14.13 -9.34
N PHE A 104 3.17 -13.24 -9.40
CA PHE A 104 2.36 -12.91 -8.21
C PHE A 104 0.85 -13.02 -8.45
N LEU A 105 0.42 -12.84 -9.70
CA LEU A 105 -1.00 -12.85 -10.02
C LEU A 105 -1.38 -14.18 -10.72
N GLY A 106 -2.27 -14.10 -11.71
CA GLY A 106 -2.89 -15.29 -12.25
C GLY A 106 -2.11 -16.00 -13.36
N GLY A 107 -0.88 -15.58 -13.62
CA GLY A 107 -0.09 -16.18 -14.66
C GLY A 107 0.73 -17.36 -14.13
N LYS A 108 1.71 -17.77 -14.90
CA LYS A 108 2.48 -18.96 -14.54
C LYS A 108 3.97 -18.67 -14.50
N SER A 109 4.62 -19.19 -13.47
CA SER A 109 6.07 -19.09 -13.34
C SER A 109 6.53 -20.26 -12.45
N SER A 110 7.72 -20.78 -12.76
CA SER A 110 8.30 -21.88 -11.99
C SER A 110 9.01 -21.34 -10.75
N SER A 111 9.17 -20.03 -10.71
CA SER A 111 9.88 -19.41 -9.60
C SER A 111 9.08 -18.26 -8.95
N ARG A 112 7.81 -18.52 -8.60
CA ARG A 112 7.02 -17.50 -7.88
C ARG A 112 7.62 -17.26 -6.49
N PRO A 113 8.03 -16.03 -6.21
CA PRO A 113 8.76 -15.74 -4.95
C PRO A 113 7.97 -16.00 -3.66
N LEU A 114 6.65 -15.78 -3.69
CA LEU A 114 5.83 -15.98 -2.48
C LEU A 114 4.98 -17.23 -2.57
N GLY A 115 5.23 -18.04 -3.60
CA GLY A 115 4.56 -19.32 -3.71
C GLY A 115 3.37 -19.26 -4.63
N ASP A 116 2.47 -20.22 -4.45
CA ASP A 116 1.39 -20.51 -5.40
C ASP A 116 0.19 -19.59 -5.31
N ALA A 117 -0.02 -18.97 -4.13
CA ALA A 117 -1.18 -18.10 -3.95
C ALA A 117 -1.22 -16.99 -5.00
N VAL A 118 -2.43 -16.56 -5.34
CA VAL A 118 -2.60 -15.47 -6.29
C VAL A 118 -3.00 -14.23 -5.48
N LEU A 119 -2.16 -13.19 -5.52
CA LEU A 119 -2.43 -11.96 -4.77
C LEU A 119 -3.66 -11.24 -5.33
N ASP A 120 -4.31 -10.42 -4.53
CA ASP A 120 -5.49 -9.71 -5.03
C ASP A 120 -5.16 -8.55 -5.97
N GLY A 121 -3.99 -7.93 -5.79
CA GLY A 121 -3.67 -6.79 -6.64
C GLY A 121 -2.27 -6.25 -6.37
N ILE A 122 -2.00 -5.09 -6.94
CA ILE A 122 -0.68 -4.46 -6.84
C ILE A 122 -0.85 -3.06 -6.23
N ASP A 123 0.02 -2.75 -5.25
CA ASP A 123 0.04 -1.46 -4.59
C ASP A 123 1.24 -0.64 -5.11
N PHE A 124 0.99 0.60 -5.49
CA PHE A 124 2.05 1.46 -6.05
C PHE A 124 2.54 2.39 -4.93
N ASP A 125 3.71 2.10 -4.37
CA ASP A 125 4.28 3.01 -3.38
C ASP A 125 5.55 3.65 -3.93
N ILE A 126 5.38 4.42 -5.00
CA ILE A 126 6.51 4.97 -5.75
C ILE A 126 6.87 6.33 -5.13
N GLU A 127 8.08 6.43 -4.56
CA GLU A 127 8.45 7.64 -3.80
C GLU A 127 9.64 8.42 -4.36
N HIS A 128 10.30 7.86 -5.36
CA HIS A 128 11.44 8.54 -6.00
C HIS A 128 11.72 7.79 -7.29
N GLY A 129 12.66 8.30 -8.06
CA GLY A 129 13.03 7.66 -9.32
C GLY A 129 12.35 8.36 -10.47
N SER A 130 11.83 7.56 -11.40
CA SER A 130 11.23 8.08 -12.61
C SER A 130 9.80 8.47 -12.32
N THR A 131 9.35 9.58 -12.88
CA THR A 131 7.95 9.99 -12.76
C THR A 131 7.16 9.45 -13.95
N LEU A 132 7.86 8.78 -14.86
CA LEU A 132 7.23 8.35 -16.11
C LEU A 132 6.82 6.90 -16.10
N TYR A 133 5.82 6.61 -16.90
CA TYR A 133 5.39 5.25 -17.27
C TYR A 133 4.53 4.53 -16.25
N TRP A 134 4.34 5.08 -15.06
CA TRP A 134 3.53 4.41 -14.04
C TRP A 134 2.09 4.24 -14.48
N ASP A 135 1.60 5.22 -15.24
CA ASP A 135 0.29 5.08 -15.85
C ASP A 135 0.23 3.90 -16.86
N ASP A 136 1.28 3.68 -17.63
CA ASP A 136 1.30 2.53 -18.54
C ASP A 136 1.30 1.23 -17.75
N LEU A 137 2.08 1.17 -16.67
CA LEU A 137 2.12 -0.02 -15.82
C LEU A 137 0.74 -0.35 -15.27
N ALA A 138 0.01 0.68 -14.86
CA ALA A 138 -1.38 0.52 -14.39
C ALA A 138 -2.32 0.02 -15.50
N ARG A 139 -2.18 0.56 -16.71
CA ARG A 139 -2.97 0.10 -17.84
C ARG A 139 -2.70 -1.37 -18.15
N TYR A 140 -1.44 -1.73 -18.23
CA TYR A 140 -1.08 -3.10 -18.56
C TYR A 140 -1.56 -4.06 -17.48
N LEU A 141 -1.40 -3.72 -16.20
CA LEU A 141 -1.87 -4.64 -15.17
C LEU A 141 -3.39 -4.75 -15.22
N SER A 142 -4.03 -3.62 -15.46
CA SER A 142 -5.48 -3.59 -15.52
C SER A 142 -6.07 -4.44 -16.65
N ALA A 143 -5.34 -4.58 -17.75
CA ALA A 143 -5.78 -5.42 -18.87
C ALA A 143 -5.87 -6.89 -18.52
N TYR A 144 -5.02 -7.33 -17.60
CA TYR A 144 -5.00 -8.71 -17.20
C TYR A 144 -6.29 -9.11 -16.48
N SER A 145 -7.03 -8.14 -15.96
CA SER A 145 -8.34 -8.43 -15.37
C SER A 145 -9.29 -9.11 -16.36
N LYS A 146 -9.17 -8.75 -17.64
CA LYS A 146 -10.02 -9.26 -18.71
C LYS A 146 -9.98 -10.77 -18.87
N GLN A 147 -8.98 -11.41 -18.29
CA GLN A 147 -8.89 -12.86 -18.33
C GLN A 147 -9.82 -13.57 -17.35
N GLY A 148 -10.43 -12.82 -16.43
CA GLY A 148 -11.44 -13.39 -15.57
C GLY A 148 -11.40 -12.90 -14.13
N LYS A 149 -10.21 -12.86 -13.55
CA LYS A 149 -10.08 -12.45 -12.15
C LYS A 149 -9.54 -11.03 -12.02
N LYS A 150 -10.28 -10.19 -11.31
CA LYS A 150 -9.89 -8.80 -11.10
C LYS A 150 -8.50 -8.65 -10.50
N VAL A 151 -7.71 -7.79 -11.12
CA VAL A 151 -6.47 -7.36 -10.50
C VAL A 151 -6.72 -5.97 -9.83
N TYR A 152 -6.77 -5.92 -8.51
CA TYR A 152 -6.98 -4.66 -7.79
C TYR A 152 -5.74 -3.78 -7.94
N LEU A 153 -5.97 -2.47 -8.09
CA LEU A 153 -4.87 -1.50 -8.16
C LEU A 153 -5.00 -0.52 -7.00
N THR A 154 -3.94 -0.40 -6.21
CA THR A 154 -3.94 0.53 -5.09
C THR A 154 -2.69 1.41 -5.15
N ALA A 155 -2.75 2.55 -4.45
CA ALA A 155 -1.63 3.49 -4.48
C ALA A 155 -1.46 4.19 -3.14
N ALA A 156 -0.21 4.54 -2.85
CA ALA A 156 0.16 5.28 -1.66
C ALA A 156 0.90 6.58 -2.01
N PRO A 157 0.21 7.54 -2.65
CA PRO A 157 0.82 8.84 -2.93
C PRO A 157 1.10 9.58 -1.62
N GLN A 158 2.03 10.53 -1.66
CA GLN A 158 2.22 11.40 -0.51
C GLN A 158 1.19 12.51 -0.57
N CYS A 159 0.93 13.15 0.57
CA CYS A 159 -0.18 14.08 0.61
C CYS A 159 -0.12 15.35 -0.24
N PRO A 160 1.05 15.90 -0.61
CA PRO A 160 1.01 17.08 -1.44
C PRO A 160 0.36 16.77 -2.80
N PHE A 161 -0.68 17.51 -3.16
CA PHE A 161 -1.43 17.21 -4.37
C PHE A 161 -1.07 18.21 -5.45
N PRO A 162 -0.87 17.76 -6.70
CA PRO A 162 -0.87 16.34 -7.10
C PRO A 162 0.48 15.68 -6.83
N ASP A 163 0.48 14.36 -6.72
CA ASP A 163 1.70 13.61 -6.46
C ASP A 163 2.59 13.54 -7.71
N ARG A 164 3.85 13.93 -7.56
CA ARG A 164 4.78 14.01 -8.68
C ARG A 164 4.99 12.67 -9.38
N TYR A 165 4.96 11.58 -8.63
CA TYR A 165 5.17 10.24 -9.20
C TYR A 165 3.90 9.56 -9.69
N LEU A 166 2.81 9.70 -8.94
CA LEU A 166 1.60 8.92 -9.18
C LEU A 166 0.42 9.73 -9.71
N GLY A 167 0.60 11.04 -9.90
CA GLY A 167 -0.50 11.89 -10.34
C GLY A 167 -1.13 11.42 -11.66
N THR A 168 -0.30 11.14 -12.67
CA THR A 168 -0.80 10.73 -13.99
C THR A 168 -1.51 9.36 -13.94
N ALA A 169 -0.87 8.43 -13.22
CA ALA A 169 -1.45 7.11 -13.00
C ALA A 169 -2.81 7.20 -12.29
N LEU A 170 -2.94 8.10 -11.31
CA LEU A 170 -4.20 8.22 -10.59
C LEU A 170 -5.26 8.88 -11.45
N ASN A 171 -4.83 9.73 -12.37
CA ASN A 171 -5.75 10.40 -13.31
C ASN A 171 -6.38 9.38 -14.28
N THR A 172 -5.79 8.19 -14.40
CA THR A 172 -6.36 7.20 -15.30
C THR A 172 -7.75 6.74 -14.82
N GLY A 173 -8.03 6.86 -13.53
CA GLY A 173 -9.28 6.34 -12.99
C GLY A 173 -9.32 4.80 -12.83
N LEU A 174 -8.16 4.16 -12.86
CA LEU A 174 -8.05 2.72 -12.70
C LEU A 174 -7.88 2.22 -11.24
N PHE A 175 -7.57 3.13 -10.33
CA PHE A 175 -7.26 2.71 -8.98
C PHE A 175 -8.48 2.44 -8.12
N ASP A 176 -8.45 1.33 -7.41
CA ASP A 176 -9.54 0.92 -6.54
C ASP A 176 -9.45 1.65 -5.20
N TYR A 177 -8.27 1.62 -4.57
CA TYR A 177 -8.07 2.21 -3.25
C TYR A 177 -6.81 3.03 -3.22
N VAL A 178 -6.91 4.22 -2.65
CA VAL A 178 -5.76 5.11 -2.57
C VAL A 178 -5.59 5.50 -1.10
N TRP A 179 -4.44 5.16 -0.50
CA TRP A 179 -4.19 5.51 0.91
C TRP A 179 -3.14 6.59 0.90
N VAL A 180 -3.58 7.84 1.06
CA VAL A 180 -2.67 9.00 0.98
C VAL A 180 -1.81 9.07 2.22
N GLN A 181 -0.51 9.29 2.04
CA GLN A 181 0.40 9.36 3.22
C GLN A 181 0.39 10.78 3.79
N PHE A 182 -0.33 10.98 4.88
CA PHE A 182 -0.37 12.29 5.56
C PHE A 182 0.73 12.40 6.63
N TYR A 183 1.98 12.17 6.22
CA TYR A 183 3.13 12.25 7.12
C TYR A 183 4.40 12.46 6.29
N ASN A 184 5.50 12.78 6.95
CA ASN A 184 6.72 13.22 6.28
C ASN A 184 6.50 14.35 5.30
N ASN A 185 5.46 15.14 5.50
CA ASN A 185 5.16 16.26 4.60
C ASN A 185 4.48 17.40 5.37
N PRO A 186 5.26 18.32 5.93
CA PRO A 186 4.72 19.35 6.82
C PRO A 186 3.45 20.09 6.33
N PRO A 187 3.39 20.45 5.05
CA PRO A 187 2.26 21.29 4.62
C PRO A 187 0.90 20.60 4.63
N CYS A 188 0.88 19.27 4.67
CA CYS A 188 -0.41 18.57 4.62
C CYS A 188 -0.61 17.55 5.74
N GLN A 189 0.26 17.57 6.73
CA GLN A 189 0.14 16.63 7.83
C GLN A 189 -0.33 17.34 9.09
N TYR A 190 -0.62 16.53 10.11
CA TYR A 190 -0.96 17.02 11.45
C TYR A 190 0.25 17.66 12.10
N SER A 191 0.06 18.83 12.69
CA SER A 191 1.06 19.41 13.56
C SER A 191 0.33 19.89 14.81
N SER A 192 1.03 19.81 15.94
CA SER A 192 0.49 20.13 17.25
C SER A 192 -0.48 21.30 17.26
N GLY A 193 -1.73 20.99 17.59
CA GLY A 193 -2.80 21.97 17.68
C GLY A 193 -3.52 22.26 16.36
N ASN A 194 -2.90 21.88 15.25
CA ASN A 194 -3.40 22.30 13.96
C ASN A 194 -3.88 21.13 13.12
N ILE A 195 -5.18 21.04 12.89
CA ILE A 195 -5.69 20.02 12.01
C ILE A 195 -6.07 20.57 10.63
N ASN A 196 -5.94 21.89 10.43
CA ASN A 196 -6.38 22.49 9.16
C ASN A 196 -5.66 21.96 7.93
N ASN A 197 -4.35 21.78 8.07
CA ASN A 197 -3.53 21.38 6.93
C ASN A 197 -3.92 20.00 6.45
N ILE A 198 -4.18 19.11 7.37
CA ILE A 198 -4.60 17.76 7.00
C ILE A 198 -6.04 17.71 6.45
N ILE A 199 -6.96 18.48 7.03
CA ILE A 199 -8.34 18.45 6.54
C ILE A 199 -8.39 19.10 5.17
N ASN A 200 -7.63 20.16 5.02
CA ASN A 200 -7.63 20.89 3.78
C ASN A 200 -7.12 19.99 2.64
N SER A 201 -6.07 19.24 2.93
CA SER A 201 -5.46 18.30 1.99
C SER A 201 -6.42 17.12 1.68
N TRP A 202 -7.04 16.60 2.72
CA TRP A 202 -8.02 15.53 2.54
C TRP A 202 -9.11 16.02 1.56
N ASN A 203 -9.59 17.25 1.74
CA ASN A 203 -10.61 17.79 0.85
C ASN A 203 -10.14 17.85 -0.59
N ARG A 204 -8.87 18.15 -0.80
CA ARG A 204 -8.33 18.21 -2.16
C ARG A 204 -8.36 16.84 -2.80
N TRP A 205 -7.84 15.86 -2.08
CA TRP A 205 -7.74 14.51 -2.60
C TRP A 205 -9.13 13.93 -2.94
N THR A 206 -10.05 14.03 -2.00
CA THR A 206 -11.36 13.41 -2.17
C THR A 206 -12.20 14.06 -3.26
N THR A 207 -11.96 15.33 -3.51
CA THR A 207 -12.66 16.01 -4.60
C THR A 207 -12.00 15.88 -5.98
N SER A 208 -10.75 15.46 -6.00
CA SER A 208 -9.92 15.55 -7.20
C SER A 208 -9.68 14.26 -7.98
N ILE A 209 -9.70 13.12 -7.33
CA ILE A 209 -9.38 11.92 -8.09
C ILE A 209 -10.52 10.91 -8.09
N ASN A 210 -10.60 10.16 -9.19
CA ASN A 210 -11.59 9.10 -9.34
C ASN A 210 -10.93 7.79 -8.97
N ALA A 211 -11.21 7.34 -7.75
CA ALA A 211 -10.80 6.02 -7.31
C ALA A 211 -11.99 5.55 -6.50
N GLY A 212 -12.06 4.26 -6.21
CA GLY A 212 -13.17 3.72 -5.42
C GLY A 212 -13.26 4.39 -4.05
N LYS A 213 -12.20 4.23 -3.25
CA LYS A 213 -12.23 4.69 -1.86
C LYS A 213 -10.89 5.32 -1.57
N ILE A 214 -10.90 6.36 -0.72
CA ILE A 214 -9.68 7.03 -0.32
C ILE A 214 -9.47 6.85 1.18
N PHE A 215 -8.25 6.52 1.60
CA PHE A 215 -7.95 6.24 3.00
C PHE A 215 -6.97 7.29 3.55
N LEU A 216 -7.11 7.60 4.83
CA LEU A 216 -6.19 8.48 5.54
C LEU A 216 -4.99 7.68 6.07
N GLY A 217 -3.82 7.86 5.46
CA GLY A 217 -2.62 7.10 5.84
C GLY A 217 -1.81 7.81 6.92
N LEU A 218 -1.44 7.06 7.95
CA LEU A 218 -0.77 7.63 9.12
C LEU A 218 0.35 6.71 9.60
N PRO A 219 1.33 7.26 10.34
CA PRO A 219 2.31 6.41 11.03
C PRO A 219 1.66 5.88 12.30
N ALA A 220 1.87 4.60 12.61
CA ALA A 220 1.25 3.98 13.77
C ALA A 220 1.95 4.32 15.09
N ALA A 221 3.14 4.91 14.99
CA ALA A 221 3.96 5.31 16.15
C ALA A 221 4.79 6.54 15.79
N PRO A 222 5.23 7.30 16.81
CA PRO A 222 6.05 8.47 16.58
C PRO A 222 7.37 8.06 15.92
N GLU A 223 7.81 6.83 16.17
CA GLU A 223 9.06 6.30 15.63
C GLU A 223 8.91 5.87 14.18
N ALA A 224 7.67 5.66 13.73
CA ALA A 224 7.44 5.10 12.41
C ALA A 224 7.74 6.06 11.26
N ALA A 225 7.73 7.36 11.55
CA ALA A 225 7.90 8.39 10.52
C ALA A 225 8.78 9.51 11.04
N GLY A 226 9.32 10.31 10.11
CA GLY A 226 10.11 11.49 10.48
C GLY A 226 9.22 12.49 11.22
N SER A 227 8.00 12.69 10.72
CA SER A 227 7.04 13.61 11.33
C SER A 227 5.63 13.22 10.93
N GLY A 228 4.63 13.81 11.59
CA GLY A 228 3.22 13.61 11.20
C GLY A 228 2.38 12.66 12.07
N TYR A 229 2.98 12.07 13.11
CA TYR A 229 2.25 11.21 14.03
C TYR A 229 1.10 11.97 14.69
N VAL A 230 -0.05 11.32 14.78
CA VAL A 230 -1.23 11.92 15.40
C VAL A 230 -1.65 11.02 16.55
N PRO A 231 -1.79 11.57 17.76
CA PRO A 231 -2.23 10.75 18.90
C PRO A 231 -3.65 10.29 18.65
N PRO A 232 -3.96 9.08 19.09
CA PRO A 232 -5.23 8.45 18.72
C PRO A 232 -6.43 9.26 19.16
N ASP A 233 -6.29 9.95 20.28
CA ASP A 233 -7.38 10.74 20.84
C ASP A 233 -7.76 11.89 19.92
N VAL A 234 -6.75 12.58 19.40
CA VAL A 234 -6.95 13.68 18.47
C VAL A 234 -7.61 13.14 17.22
N LEU A 235 -7.12 11.99 16.75
CA LEU A 235 -7.67 11.36 15.55
C LEU A 235 -9.17 11.11 15.72
N ILE A 236 -9.50 10.47 16.84
CA ILE A 236 -10.87 10.08 17.12
C ILE A 236 -11.77 11.29 17.35
N SER A 237 -11.28 12.28 18.08
CA SER A 237 -12.12 13.43 18.43
C SER A 237 -12.25 14.50 17.36
N ARG A 238 -11.16 14.82 16.68
CA ARG A 238 -11.13 15.97 15.80
C ARG A 238 -11.09 15.62 14.33
N ILE A 239 -10.35 14.58 13.99
CA ILE A 239 -10.11 14.28 12.59
C ILE A 239 -11.12 13.34 11.93
N LEU A 240 -11.38 12.20 12.55
CA LEU A 240 -12.33 11.24 11.96
C LEU A 240 -13.77 11.76 11.68
N PRO A 241 -14.37 12.51 12.61
CA PRO A 241 -15.74 12.99 12.41
C PRO A 241 -15.83 13.84 11.15
N GLU A 242 -14.73 14.49 10.79
CA GLU A 242 -14.72 15.38 9.62
C GLU A 242 -14.52 14.54 8.37
N ILE A 243 -13.49 13.70 8.38
CA ILE A 243 -13.17 12.98 7.16
C ILE A 243 -14.17 11.87 6.82
N LYS A 244 -14.87 11.35 7.83
CA LYS A 244 -15.83 10.29 7.58
C LYS A 244 -17.06 10.79 6.84
N LYS A 245 -17.19 12.11 6.78
CA LYS A 245 -18.29 12.71 6.06
C LYS A 245 -18.17 12.51 4.56
N SER A 246 -16.96 12.28 4.06
CA SER A 246 -16.79 12.13 2.61
C SER A 246 -17.37 10.80 2.14
N PRO A 247 -18.09 10.80 1.02
CA PRO A 247 -18.62 9.54 0.51
C PRO A 247 -17.49 8.65 0.02
N LYS A 248 -16.34 9.24 -0.26
CA LYS A 248 -15.19 8.45 -0.73
C LYS A 248 -14.37 7.85 0.39
N TYR A 249 -14.69 8.17 1.64
CA TYR A 249 -13.96 7.65 2.80
C TYR A 249 -13.97 6.11 2.82
N GLY A 250 -12.79 5.52 2.93
CA GLY A 250 -12.65 4.07 2.98
C GLY A 250 -12.18 3.58 4.35
N GLY A 251 -11.58 4.47 5.13
CA GLY A 251 -10.93 4.09 6.39
C GLY A 251 -9.52 4.67 6.50
N VAL A 252 -8.68 3.97 7.23
CA VAL A 252 -7.38 4.47 7.64
C VAL A 252 -6.30 3.48 7.23
N MET A 253 -5.13 3.99 6.81
CA MET A 253 -4.00 3.13 6.50
C MET A 253 -2.91 3.37 7.55
N LEU A 254 -2.23 2.32 8.00
CA LEU A 254 -1.12 2.49 8.94
C LEU A 254 0.21 1.92 8.46
N TRP A 255 1.26 2.72 8.61
CA TRP A 255 2.62 2.26 8.46
C TRP A 255 3.17 2.14 9.90
N SER A 256 3.51 0.94 10.40
CA SER A 256 3.40 -0.37 9.73
C SER A 256 3.01 -1.37 10.82
N LYS A 257 2.80 -2.65 10.48
CA LYS A 257 2.42 -3.71 11.45
C LYS A 257 3.33 -3.72 12.70
N PHE A 258 4.65 -3.65 12.46
CA PHE A 258 5.61 -3.63 13.55
C PHE A 258 5.36 -2.52 14.58
N TYR A 259 5.24 -1.27 14.11
CA TYR A 259 4.93 -0.15 15.00
C TYR A 259 3.54 -0.18 15.62
N ASP A 260 2.57 -0.68 14.87
CA ASP A 260 1.22 -0.82 15.39
C ASP A 260 1.22 -1.71 16.64
N ASP A 261 1.94 -2.81 16.59
CA ASP A 261 2.06 -3.73 17.74
C ASP A 261 2.63 -2.98 18.96
N LYS A 262 3.69 -2.23 18.72
CA LYS A 262 4.39 -1.58 19.81
C LYS A 262 3.54 -0.51 20.48
N ASN A 263 2.77 0.22 19.68
CA ASN A 263 2.08 1.42 20.13
C ASN A 263 0.59 1.18 20.38
N GLY A 264 0.08 0.03 19.92
CA GLY A 264 -1.34 -0.30 20.10
C GLY A 264 -2.26 0.69 19.41
N TYR A 265 -1.87 1.17 18.22
CA TYR A 265 -2.63 2.22 17.55
C TYR A 265 -4.00 1.75 17.01
N SER A 266 -4.00 0.68 16.21
CA SER A 266 -5.27 0.16 15.70
C SER A 266 -6.24 -0.35 16.79
N SER A 267 -5.70 -0.94 17.86
CA SER A 267 -6.51 -1.36 19.00
C SER A 267 -7.28 -0.16 19.53
N SER A 268 -6.61 0.99 19.61
CA SER A 268 -7.24 2.20 20.13
C SER A 268 -8.26 2.85 19.20
N ILE A 269 -8.09 2.69 17.90
CA ILE A 269 -8.96 3.42 16.98
C ILE A 269 -9.97 2.56 16.23
N LEU A 270 -9.85 1.23 16.39
CA LEU A 270 -10.58 0.31 15.54
C LEU A 270 -12.08 0.61 15.33
N ASP A 271 -12.83 0.86 16.40
CA ASP A 271 -14.29 1.00 16.27
C ASP A 271 -14.75 2.36 15.73
N SER A 272 -13.83 3.32 15.78
CA SER A 272 -14.10 4.65 15.27
C SER A 272 -13.90 4.79 13.76
N VAL A 273 -13.12 3.88 13.18
CA VAL A 273 -12.83 3.91 11.73
C VAL A 273 -14.02 3.49 10.85
#